data_2HBM
#
_entry.id   2HBM
#
_cell.length_a   110.577
_cell.length_b   110.577
_cell.length_c   79.330
_cell.angle_alpha   90.00
_cell.angle_beta   90.00
_cell.angle_gamma   120.00
#
_symmetry.space_group_name_H-M   'P 31 2 1'
#
loop_
_entity.id
_entity.type
_entity.pdbx_description
1 polymer 'Exosome complex exonuclease RRP6'
2 non-polymer 'ZINC ION'
3 non-polymer 'MANGANESE (II) ION'
4 non-polymer "URIDINE-5'-MONOPHOSPHATE"
5 water water
#
_entity_poly.entity_id   1
_entity_poly.type   'polypeptide(L)'
_entity_poly.pdbx_seq_one_letter_code
;GMVEKPQLKFKSPIDNSESHPFIPLLKEKPNALKPLSESLRLVDDDENNPSHYPHPYEYEIDHQEYSPEILQIREEIPSK
SWDDSVPIWVDTSTELESMLEDLKNTKEIAVDLEHHDYRSYYGIVCLMQISTRERDYLVDTLKLRENLHILNEVFTNPSI
VKVFHGAFMDIIWLQRDLGLYVVGLFDTYHASKAIGLPRHSLAYLLENFANFKTSKKYQLADWRIRPLSKPMTAAARADT
HFLLNIYDQLRNKLIESNKLAGVLYESRNVAKRRFEYSKYRPLTPSSEVYSPIEKESPWKILMYQYNIPPEREVLVRELY
QWRDLIARRDDESPRFVMPNQLLAALVAYTPTDVIGVVSLTNGVTEHVRQNAKLLANLIRDALRNIKNTNEEATPIPSSE
TKADGILLET
;
_entity_poly.pdbx_strand_id   A
#
# COMPACT_ATOMS: atom_id res chain seq x y z
N GLY A 1 -11.25 21.35 0.72
CA GLY A 1 -12.61 21.03 0.18
C GLY A 1 -13.17 19.76 0.79
N MET A 2 -14.34 19.32 0.31
CA MET A 2 -14.98 18.11 0.82
C MET A 2 -14.34 16.84 0.25
N VAL A 3 -13.66 16.98 -0.89
CA VAL A 3 -13.01 15.87 -1.57
C VAL A 3 -13.93 14.68 -1.72
N GLU A 4 -14.72 14.72 -2.77
CA GLU A 4 -15.66 13.67 -3.11
C GLU A 4 -14.89 12.35 -3.19
N LYS A 5 -15.31 11.35 -2.42
CA LYS A 5 -14.64 10.05 -2.41
C LYS A 5 -14.50 9.50 -3.83
N PRO A 6 -13.25 9.38 -4.30
CA PRO A 6 -12.96 8.88 -5.65
C PRO A 6 -13.43 7.45 -5.91
N GLN A 7 -13.70 6.68 -4.86
CA GLN A 7 -14.12 5.31 -5.08
C GLN A 7 -15.43 5.31 -5.84
N LEU A 8 -16.34 6.18 -5.43
CA LEU A 8 -17.65 6.25 -6.05
C LEU A 8 -17.62 6.26 -7.56
N LYS A 9 -16.48 6.63 -8.13
CA LYS A 9 -16.38 6.70 -9.58
C LYS A 9 -15.68 5.52 -10.25
N PHE A 10 -15.26 4.53 -9.47
CA PHE A 10 -14.60 3.36 -10.03
C PHE A 10 -15.55 2.54 -10.91
N LYS A 11 -15.03 1.97 -11.99
CA LYS A 11 -15.84 1.17 -12.90
C LYS A 11 -16.32 -0.12 -12.25
N SER A 12 -15.60 -0.58 -11.24
CA SER A 12 -15.96 -1.80 -10.52
C SER A 12 -16.09 -1.45 -9.03
N PRO A 13 -17.29 -1.63 -8.47
CA PRO A 13 -17.55 -1.33 -7.06
C PRO A 13 -16.67 -2.10 -6.08
N ILE A 14 -16.19 -1.41 -5.03
CA ILE A 14 -15.34 -2.04 -4.04
C ILE A 14 -16.16 -3.04 -3.24
N ASP A 15 -15.48 -4.02 -2.67
CA ASP A 15 -16.15 -5.04 -1.87
C ASP A 15 -15.36 -5.32 -0.61
N ASN A 16 -15.96 -5.02 0.54
CA ASN A 16 -15.31 -5.24 1.82
C ASN A 16 -15.91 -6.44 2.52
N SER A 17 -16.73 -7.18 1.79
CA SER A 17 -17.41 -8.37 2.29
C SER A 17 -16.37 -9.38 2.77
N GLU A 18 -15.32 -9.54 1.98
CA GLU A 18 -14.24 -10.47 2.32
C GLU A 18 -14.86 -11.87 2.41
N SER A 19 -15.78 -12.15 1.49
CA SER A 19 -16.48 -13.43 1.44
C SER A 19 -15.72 -14.52 0.68
N HIS A 20 -14.50 -14.22 0.25
CA HIS A 20 -13.69 -15.19 -0.49
C HIS A 20 -12.23 -14.77 -0.47
N PRO A 21 -11.30 -15.73 -0.62
CA PRO A 21 -9.88 -15.37 -0.61
C PRO A 21 -9.64 -14.32 -1.69
N PHE A 22 -8.59 -13.51 -1.51
CA PHE A 22 -8.31 -12.48 -2.49
C PHE A 22 -8.05 -13.11 -3.85
N ILE A 23 -8.66 -12.55 -4.89
CA ILE A 23 -8.46 -13.05 -6.23
C ILE A 23 -7.70 -12.02 -7.05
N PRO A 24 -6.67 -12.45 -7.80
CA PRO A 24 -5.92 -11.50 -8.62
C PRO A 24 -6.82 -10.89 -9.69
N LEU A 25 -6.61 -9.60 -9.98
CA LEU A 25 -7.41 -8.89 -10.96
C LEU A 25 -6.84 -9.09 -12.35
N LEU A 26 -5.74 -9.84 -12.39
CA LEU A 26 -4.99 -10.15 -13.60
C LEU A 26 -5.74 -11.03 -14.60
N LYS A 27 -6.23 -10.44 -15.69
CA LYS A 27 -6.95 -11.19 -16.72
C LYS A 27 -6.01 -11.67 -17.82
N GLU A 28 -4.85 -11.02 -17.95
CA GLU A 28 -3.84 -11.38 -18.95
C GLU A 28 -2.53 -11.61 -18.21
N LYS A 29 -1.50 -12.10 -18.90
CA LYS A 29 -0.23 -12.34 -18.23
C LYS A 29 0.93 -12.42 -19.21
N PRO A 30 1.52 -11.26 -19.57
CA PRO A 30 2.65 -11.21 -20.50
C PRO A 30 3.91 -11.70 -19.84
N ASN A 31 4.96 -11.85 -20.65
CA ASN A 31 6.24 -12.31 -20.15
C ASN A 31 5.98 -13.56 -19.33
N ALA A 32 5.08 -14.41 -19.83
CA ALA A 32 4.70 -15.63 -19.12
C ALA A 32 5.59 -16.85 -19.37
N LEU A 33 5.81 -17.62 -18.32
CA LEU A 33 6.60 -18.84 -18.41
C LEU A 33 5.69 -20.01 -18.04
N LYS A 34 4.69 -19.70 -17.22
CA LYS A 34 3.73 -20.68 -16.76
C LYS A 34 2.35 -20.06 -17.00
N PRO A 35 1.65 -20.53 -18.03
CA PRO A 35 0.31 -20.04 -18.41
C PRO A 35 -0.53 -19.54 -17.25
N LEU A 36 -1.31 -18.49 -17.52
CA LEU A 36 -2.18 -17.88 -16.53
C LEU A 36 -3.17 -18.93 -16.03
N SER A 37 -3.34 -19.97 -16.85
CA SER A 37 -4.23 -21.07 -16.53
C SER A 37 -4.01 -21.54 -15.10
N GLU A 38 -2.95 -22.30 -14.90
CA GLU A 38 -2.61 -22.83 -13.58
C GLU A 38 -2.74 -21.78 -12.47
N SER A 39 -2.29 -20.56 -12.75
CA SER A 39 -2.33 -19.45 -11.80
C SER A 39 -3.64 -19.33 -11.02
N LEU A 40 -4.75 -19.14 -11.73
CA LEU A 40 -6.05 -19.02 -11.08
C LEU A 40 -6.57 -20.38 -10.65
N ARG A 41 -6.32 -20.75 -9.40
CA ARG A 41 -6.78 -22.05 -8.89
C ARG A 41 -7.12 -21.96 -7.41
N LEU A 42 -6.21 -22.43 -6.57
CA LEU A 42 -6.39 -22.41 -5.13
C LEU A 42 -5.31 -23.27 -4.50
N VAL A 43 -5.28 -23.28 -3.17
CA VAL A 43 -4.30 -24.06 -2.43
C VAL A 43 -5.01 -24.50 -1.15
N ASP A 44 -6.07 -25.27 -1.35
CA ASP A 44 -6.91 -25.77 -0.27
C ASP A 44 -6.23 -25.97 1.08
N ASP A 45 -6.98 -25.66 2.12
CA ASP A 45 -6.58 -25.75 3.51
C ASP A 45 -5.35 -26.57 3.91
N ASP A 46 -4.60 -25.99 4.83
CA ASP A 46 -3.38 -26.59 5.38
C ASP A 46 -3.22 -25.98 6.77
N GLU A 47 -2.28 -26.49 7.55
CA GLU A 47 -2.06 -25.96 8.90
C GLU A 47 -1.28 -24.66 8.95
N ASN A 48 -0.81 -24.18 7.80
CA ASN A 48 -0.06 -22.93 7.77
C ASN A 48 -0.72 -21.83 6.95
N ASN A 49 -1.91 -22.12 6.42
CA ASN A 49 -2.64 -21.14 5.64
C ASN A 49 -3.86 -21.78 4.99
N PRO A 50 -5.06 -21.24 5.26
CA PRO A 50 -6.29 -21.78 4.68
C PRO A 50 -6.30 -21.54 3.18
N SER A 51 -7.30 -22.11 2.50
CA SER A 51 -7.43 -21.98 1.07
C SER A 51 -7.10 -20.54 0.61
N HIS A 52 -6.41 -20.43 -0.52
CA HIS A 52 -6.04 -19.13 -1.06
C HIS A 52 -5.50 -19.28 -2.47
N TYR A 53 -5.44 -18.16 -3.20
CA TYR A 53 -4.91 -18.16 -4.56
C TYR A 53 -3.42 -17.85 -4.40
N PRO A 54 -2.60 -18.29 -5.36
CA PRO A 54 -1.16 -18.01 -5.25
C PRO A 54 -0.74 -16.82 -6.10
N HIS A 55 0.49 -16.38 -5.90
CA HIS A 55 1.04 -15.25 -6.65
C HIS A 55 1.22 -15.63 -8.13
N PRO A 56 0.40 -15.04 -9.01
CA PRO A 56 0.39 -15.26 -10.45
C PRO A 56 1.72 -15.19 -11.20
N TYR A 57 2.79 -14.72 -10.53
CA TYR A 57 4.10 -14.62 -11.19
C TYR A 57 5.22 -15.22 -10.36
N GLU A 58 4.87 -15.87 -9.27
CA GLU A 58 5.85 -16.50 -8.39
C GLU A 58 6.89 -17.29 -9.18
N TYR A 59 6.43 -18.04 -10.19
CA TYR A 59 7.34 -18.84 -10.98
C TYR A 59 8.39 -17.96 -11.66
N GLU A 60 7.96 -17.21 -12.66
CA GLU A 60 8.88 -16.34 -13.38
C GLU A 60 9.80 -15.57 -12.47
N ILE A 61 9.32 -15.17 -11.29
CA ILE A 61 10.18 -14.44 -10.35
C ILE A 61 11.38 -15.31 -9.94
N ASP A 62 11.13 -16.60 -9.72
CA ASP A 62 12.19 -17.53 -9.34
C ASP A 62 12.99 -18.02 -10.54
N HIS A 63 12.28 -18.36 -11.61
CA HIS A 63 12.93 -18.91 -12.79
C HIS A 63 13.41 -17.99 -13.90
N GLN A 64 12.98 -16.73 -13.94
CA GLN A 64 13.48 -15.86 -15.00
C GLN A 64 14.75 -15.12 -14.65
N GLU A 65 15.73 -15.26 -15.53
CA GLU A 65 17.05 -14.64 -15.38
C GLU A 65 17.04 -13.13 -15.45
N TYR A 66 17.98 -12.52 -14.76
CA TYR A 66 18.11 -11.07 -14.74
C TYR A 66 18.78 -10.47 -15.97
N SER A 67 18.56 -9.18 -16.18
CA SER A 67 19.13 -8.47 -17.32
C SER A 67 20.66 -8.46 -17.13
N PRO A 68 21.41 -8.94 -18.15
CA PRO A 68 22.88 -9.01 -18.14
C PRO A 68 23.63 -7.79 -17.58
N GLU A 69 23.28 -6.60 -18.05
CA GLU A 69 23.95 -5.39 -17.60
C GLU A 69 23.69 -5.02 -16.14
N ILE A 70 23.04 -5.92 -15.41
CA ILE A 70 22.76 -5.66 -14.02
C ILE A 70 23.91 -6.22 -13.20
N LEU A 71 24.54 -7.26 -13.75
CA LEU A 71 25.66 -7.94 -13.10
C LEU A 71 27.00 -7.31 -13.47
N GLN A 72 26.96 -6.34 -14.38
CA GLN A 72 28.16 -5.64 -14.83
C GLN A 72 28.29 -4.29 -14.15
N ILE A 73 29.51 -3.82 -13.94
CA ILE A 73 29.69 -2.51 -13.36
C ILE A 73 29.64 -1.52 -14.51
N ARG A 74 28.54 -0.80 -14.62
CA ARG A 74 28.39 0.19 -15.69
C ARG A 74 28.65 1.59 -15.18
N GLU A 75 28.93 2.49 -16.11
CA GLU A 75 29.17 3.87 -15.76
C GLU A 75 27.84 4.44 -15.33
N GLU A 76 27.81 5.11 -14.19
CA GLU A 76 26.59 5.69 -13.66
C GLU A 76 26.07 6.86 -14.52
N ILE A 77 24.76 6.88 -14.77
CA ILE A 77 24.14 7.95 -15.56
C ILE A 77 23.49 8.98 -14.63
N PRO A 78 23.99 10.23 -14.62
CA PRO A 78 23.41 11.24 -13.73
C PRO A 78 21.93 11.47 -13.98
N SER A 79 21.21 11.83 -12.94
CA SER A 79 19.78 12.11 -13.08
C SER A 79 19.78 13.30 -14.04
N LYS A 80 18.68 13.51 -14.73
CA LYS A 80 18.59 14.63 -15.67
C LYS A 80 18.23 15.91 -14.93
N SER A 81 18.65 17.04 -15.47
CA SER A 81 18.40 18.34 -14.86
C SER A 81 16.93 18.53 -14.57
N TRP A 82 16.60 18.62 -13.28
CA TRP A 82 15.22 18.79 -12.87
C TRP A 82 14.47 19.78 -13.75
N ASP A 83 15.12 20.90 -14.08
CA ASP A 83 14.46 21.92 -14.87
C ASP A 83 14.40 21.76 -16.38
N ASP A 84 15.13 20.79 -16.93
CA ASP A 84 15.11 20.54 -18.39
C ASP A 84 13.79 19.96 -18.87
N SER A 85 12.96 19.50 -17.93
CA SER A 85 11.66 18.92 -18.28
C SER A 85 10.64 19.10 -17.16
N VAL A 86 9.38 18.95 -17.51
CA VAL A 86 8.28 19.04 -16.55
C VAL A 86 7.80 17.61 -16.42
N PRO A 87 7.26 17.23 -15.24
CA PRO A 87 6.78 15.86 -15.08
C PRO A 87 5.58 15.65 -15.98
N ILE A 88 5.54 14.51 -16.67
CA ILE A 88 4.42 14.21 -17.57
C ILE A 88 3.25 13.65 -16.77
N TRP A 89 2.11 14.34 -16.82
CA TRP A 89 0.93 13.89 -16.11
C TRP A 89 0.15 12.92 -16.99
N VAL A 90 -0.15 11.74 -16.47
CA VAL A 90 -0.87 10.71 -17.23
C VAL A 90 -2.22 10.37 -16.62
N ASP A 91 -3.30 10.65 -17.35
CA ASP A 91 -4.67 10.35 -16.88
C ASP A 91 -5.64 9.95 -17.98
N THR A 92 -5.11 9.46 -19.10
CA THR A 92 -5.95 9.03 -20.21
C THR A 92 -5.43 7.71 -20.76
N SER A 93 -6.29 6.94 -21.42
CA SER A 93 -5.84 5.68 -21.98
C SER A 93 -4.83 5.96 -23.10
N THR A 94 -4.95 7.15 -23.70
CA THR A 94 -4.05 7.56 -24.77
C THR A 94 -2.74 8.04 -24.13
N GLU A 95 -2.87 8.93 -23.15
CA GLU A 95 -1.69 9.43 -22.44
C GLU A 95 -0.98 8.19 -21.85
N LEU A 96 -1.76 7.21 -21.42
CA LEU A 96 -1.21 5.98 -20.86
C LEU A 96 -0.57 5.06 -21.90
N GLU A 97 -1.12 5.02 -23.09
CA GLU A 97 -0.57 4.16 -24.11
C GLU A 97 0.76 4.67 -24.62
N SER A 98 0.88 5.98 -24.79
CA SER A 98 2.14 6.52 -25.28
C SER A 98 3.26 6.30 -24.26
N MET A 99 2.92 6.36 -22.97
CA MET A 99 3.93 6.15 -21.94
C MET A 99 4.39 4.69 -22.01
N LEU A 100 3.45 3.75 -22.03
CA LEU A 100 3.78 2.34 -22.09
C LEU A 100 4.74 2.08 -23.24
N GLU A 101 4.40 2.69 -24.37
CA GLU A 101 5.21 2.56 -25.57
C GLU A 101 6.62 3.04 -25.25
N ASP A 102 6.69 4.20 -24.62
CA ASP A 102 7.96 4.80 -24.24
C ASP A 102 8.72 3.97 -23.20
N LEU A 103 7.98 3.34 -22.28
CA LEU A 103 8.62 2.54 -21.24
C LEU A 103 9.24 1.28 -21.80
N LYS A 104 8.68 0.76 -22.90
CA LYS A 104 9.21 -0.46 -23.49
C LYS A 104 10.63 -0.32 -24.06
N ASN A 105 11.10 0.92 -24.25
CA ASN A 105 12.45 1.16 -24.76
C ASN A 105 13.44 1.40 -23.64
N THR A 106 13.28 0.78 -22.49
CA THR A 106 14.23 1.02 -21.41
C THR A 106 14.95 -0.21 -20.89
N LYS A 107 16.08 0.03 -20.24
CA LYS A 107 16.83 -1.04 -19.66
C LYS A 107 16.42 -1.10 -18.21
N GLU A 108 15.88 0.01 -17.72
CA GLU A 108 15.44 0.12 -16.32
C GLU A 108 14.57 1.37 -16.06
N ILE A 109 13.70 1.29 -15.06
CA ILE A 109 12.84 2.42 -14.69
C ILE A 109 12.68 2.53 -13.17
N ALA A 110 12.49 3.73 -12.65
CA ALA A 110 12.33 3.89 -11.20
C ALA A 110 10.83 4.03 -10.94
N VAL A 111 10.34 3.37 -9.90
CA VAL A 111 8.92 3.45 -9.61
C VAL A 111 8.60 3.72 -8.17
N ASP A 112 7.48 4.41 -7.96
CA ASP A 112 6.99 4.74 -6.62
C ASP A 112 5.50 4.96 -6.66
N LEU A 113 4.85 4.91 -5.48
CA LEU A 113 3.40 5.10 -5.38
C LEU A 113 3.02 5.92 -4.15
N GLU A 114 1.85 6.54 -4.23
CA GLU A 114 1.32 7.31 -3.11
C GLU A 114 -0.04 6.65 -2.81
N HIS A 115 -0.28 6.39 -1.53
CA HIS A 115 -1.46 5.67 -1.10
C HIS A 115 -2.35 6.42 -0.10
N HIS A 116 -3.67 6.19 -0.16
CA HIS A 116 -4.58 6.84 0.77
C HIS A 116 -5.32 5.80 1.64
N ASP A 117 -5.41 6.07 2.93
CA ASP A 117 -6.06 5.12 3.83
C ASP A 117 -6.92 5.76 4.91
N TYR A 118 -7.58 6.87 4.62
CA TYR A 118 -8.41 7.50 5.65
C TYR A 118 -9.89 7.53 5.28
N ARG A 119 -10.18 7.42 3.99
CA ARG A 119 -11.54 7.44 3.53
C ARG A 119 -11.76 6.21 2.66
N SER A 120 -11.17 5.10 3.08
CA SER A 120 -11.29 3.81 2.39
C SER A 120 -11.06 2.75 3.44
N TYR A 121 -11.64 1.57 3.24
CA TYR A 121 -11.46 0.51 4.20
C TYR A 121 -10.09 -0.15 4.10
N TYR A 122 -9.75 -0.69 2.92
CA TYR A 122 -8.44 -1.30 2.75
C TYR A 122 -7.37 -0.26 2.42
N GLY A 123 -7.80 0.78 1.71
CA GLY A 123 -6.86 1.82 1.32
C GLY A 123 -6.82 1.81 -0.20
N ILE A 124 -6.37 2.90 -0.80
CA ILE A 124 -6.28 2.95 -2.26
C ILE A 124 -5.06 3.70 -2.77
N VAL A 125 -4.56 3.27 -3.94
CA VAL A 125 -3.40 3.88 -4.59
C VAL A 125 -3.88 5.11 -5.39
N CYS A 126 -3.47 6.30 -4.95
CA CYS A 126 -3.89 7.53 -5.61
C CYS A 126 -2.95 8.08 -6.68
N LEU A 127 -1.67 7.78 -6.56
CA LEU A 127 -0.69 8.24 -7.53
C LEU A 127 0.43 7.22 -7.70
N MET A 128 0.97 7.15 -8.91
CA MET A 128 2.08 6.24 -9.23
C MET A 128 3.15 7.09 -9.96
N GLN A 129 4.41 6.93 -9.55
CA GLN A 129 5.51 7.68 -10.15
C GLN A 129 6.45 6.77 -10.89
N ILE A 130 6.76 7.11 -12.13
CA ILE A 130 7.66 6.31 -12.92
C ILE A 130 8.66 7.17 -13.67
N SER A 131 9.95 6.92 -13.41
CA SER A 131 11.03 7.64 -14.04
C SER A 131 11.94 6.80 -14.94
N THR A 132 12.25 7.36 -16.10
CA THR A 132 13.15 6.75 -17.07
C THR A 132 14.42 7.59 -17.01
N ARG A 133 15.40 7.26 -17.83
CA ARG A 133 16.64 8.01 -17.82
C ARG A 133 16.42 9.42 -18.36
N GLU A 134 15.34 9.62 -19.10
CA GLU A 134 15.05 10.94 -19.69
C GLU A 134 13.92 11.73 -19.06
N ARG A 135 12.85 11.06 -18.61
CA ARG A 135 11.71 11.80 -18.04
C ARG A 135 11.02 11.23 -16.80
N ASP A 136 10.19 12.07 -16.18
CA ASP A 136 9.43 11.71 -14.99
C ASP A 136 7.95 11.69 -15.30
N TYR A 137 7.30 10.55 -15.07
CA TYR A 137 5.88 10.44 -15.32
C TYR A 137 5.09 10.44 -14.02
N LEU A 138 3.92 11.07 -14.05
CA LEU A 138 3.03 11.09 -12.91
C LEU A 138 1.70 10.50 -13.38
N VAL A 139 1.38 9.32 -12.89
CA VAL A 139 0.15 8.61 -13.29
C VAL A 139 -1.02 8.69 -12.30
N ASP A 140 -2.18 9.15 -12.77
CA ASP A 140 -3.37 9.23 -11.93
C ASP A 140 -3.97 7.83 -11.87
N THR A 141 -3.60 7.09 -10.83
CA THR A 141 -4.05 5.72 -10.64
C THR A 141 -5.50 5.64 -10.22
N LEU A 142 -6.08 6.78 -9.86
CA LEU A 142 -7.48 6.80 -9.48
C LEU A 142 -8.27 6.71 -10.79
N LYS A 143 -8.04 7.67 -11.69
CA LYS A 143 -8.78 7.68 -12.94
C LYS A 143 -8.46 6.57 -13.93
N LEU A 144 -7.31 5.93 -13.81
CA LEU A 144 -6.97 4.86 -14.73
C LEU A 144 -6.89 3.50 -14.05
N ARG A 145 -7.54 3.38 -12.90
CA ARG A 145 -7.56 2.14 -12.13
C ARG A 145 -7.81 0.87 -12.96
N GLU A 146 -8.81 0.91 -13.82
CA GLU A 146 -9.14 -0.26 -14.65
C GLU A 146 -8.22 -0.44 -15.86
N ASN A 147 -7.31 0.51 -16.11
CA ASN A 147 -6.44 0.43 -17.28
C ASN A 147 -4.99 0.04 -17.02
N LEU A 148 -4.48 0.45 -15.86
CA LEU A 148 -3.09 0.22 -15.48
C LEU A 148 -2.59 -1.21 -15.50
N HIS A 149 -3.44 -2.15 -15.90
CA HIS A 149 -2.97 -3.52 -15.93
C HIS A 149 -2.05 -3.74 -17.13
N ILE A 150 -2.16 -2.89 -18.14
CA ILE A 150 -1.35 -3.04 -19.34
C ILE A 150 0.12 -2.77 -19.08
N LEU A 151 0.42 -2.17 -17.93
CA LEU A 151 1.80 -1.88 -17.59
C LEU A 151 2.57 -3.17 -17.27
N ASN A 152 1.85 -4.26 -17.05
CA ASN A 152 2.49 -5.52 -16.75
C ASN A 152 3.49 -5.90 -17.83
N GLU A 153 3.20 -5.56 -19.08
CA GLU A 153 4.09 -5.91 -20.17
C GLU A 153 5.54 -5.44 -19.89
N VAL A 154 5.66 -4.38 -19.09
CA VAL A 154 6.95 -3.83 -18.73
C VAL A 154 7.37 -4.21 -17.32
N PHE A 155 6.42 -4.20 -16.39
CA PHE A 155 6.69 -4.52 -14.98
C PHE A 155 7.05 -5.98 -14.73
N THR A 156 6.73 -6.85 -15.68
CA THR A 156 7.05 -8.27 -15.55
C THR A 156 8.12 -8.72 -16.52
N ASN A 157 8.52 -7.83 -17.44
CA ASN A 157 9.58 -8.14 -18.38
C ASN A 157 10.91 -8.09 -17.62
N PRO A 158 11.50 -9.25 -17.34
CA PRO A 158 12.76 -9.31 -16.59
C PRO A 158 13.90 -8.55 -17.25
N SER A 159 13.68 -8.17 -18.51
CA SER A 159 14.71 -7.46 -19.25
C SER A 159 14.72 -5.95 -19.02
N ILE A 160 13.91 -5.50 -18.07
CA ILE A 160 13.85 -4.11 -17.70
C ILE A 160 13.86 -4.08 -16.18
N VAL A 161 14.89 -3.51 -15.58
CA VAL A 161 14.94 -3.47 -14.14
C VAL A 161 13.89 -2.45 -13.69
N LYS A 162 13.28 -2.70 -12.53
CA LYS A 162 12.31 -1.78 -11.95
C LYS A 162 12.87 -1.41 -10.59
N VAL A 163 13.22 -0.14 -10.41
CA VAL A 163 13.77 0.32 -9.13
C VAL A 163 12.75 0.95 -8.19
N PHE A 164 12.68 0.39 -6.99
CA PHE A 164 11.77 0.84 -5.94
C PHE A 164 12.62 0.95 -4.68
N HIS A 165 12.19 1.80 -3.76
CA HIS A 165 12.90 1.89 -2.50
C HIS A 165 11.95 1.36 -1.40
N GLY A 166 12.25 0.17 -0.89
CA GLY A 166 11.42 -0.42 0.15
C GLY A 166 10.03 -0.66 -0.40
N ALA A 167 9.95 -1.50 -1.43
CA ALA A 167 8.69 -1.78 -2.09
C ALA A 167 7.79 -2.82 -1.43
N PHE A 168 8.12 -3.26 -0.22
CA PHE A 168 7.30 -4.29 0.43
C PHE A 168 5.79 -4.03 0.44
N MET A 169 5.39 -2.76 0.48
CA MET A 169 3.96 -2.46 0.46
C MET A 169 3.49 -2.12 -0.95
N ASP A 170 4.41 -1.61 -1.77
CA ASP A 170 4.08 -1.24 -3.14
C ASP A 170 3.64 -2.49 -3.87
N ILE A 171 4.38 -3.57 -3.66
CA ILE A 171 4.08 -4.84 -4.29
C ILE A 171 2.67 -5.26 -3.93
N ILE A 172 2.32 -5.06 -2.66
CA ILE A 172 0.99 -5.38 -2.17
C ILE A 172 -0.01 -4.48 -2.86
N TRP A 173 0.08 -3.18 -2.59
CA TRP A 173 -0.85 -2.22 -3.19
C TRP A 173 -1.01 -2.42 -4.69
N LEU A 174 0.09 -2.71 -5.39
CA LEU A 174 0.01 -2.87 -6.84
C LEU A 174 -0.93 -3.98 -7.29
N GLN A 175 -0.84 -5.14 -6.65
CA GLN A 175 -1.71 -6.26 -7.04
C GLN A 175 -3.13 -6.03 -6.57
N ARG A 176 -3.28 -5.70 -5.30
CA ARG A 176 -4.60 -5.46 -4.72
C ARG A 176 -5.47 -4.47 -5.49
N ASP A 177 -4.91 -3.34 -5.91
CA ASP A 177 -5.69 -2.32 -6.61
C ASP A 177 -5.60 -2.27 -8.12
N LEU A 178 -4.45 -2.65 -8.66
CA LEU A 178 -4.23 -2.55 -10.10
C LEU A 178 -3.90 -3.86 -10.79
N GLY A 179 -3.79 -4.93 -10.02
CA GLY A 179 -3.46 -6.20 -10.62
C GLY A 179 -2.13 -6.07 -11.35
N LEU A 180 -1.17 -5.44 -10.69
CA LEU A 180 0.15 -5.28 -11.26
C LEU A 180 1.17 -6.09 -10.48
N TYR A 181 2.07 -6.73 -11.21
CA TYR A 181 3.11 -7.52 -10.59
C TYR A 181 4.47 -7.03 -11.06
N VAL A 182 5.52 -7.45 -10.37
CA VAL A 182 6.84 -6.99 -10.72
C VAL A 182 7.90 -8.07 -10.80
N VAL A 183 8.45 -8.24 -11.99
CA VAL A 183 9.49 -9.23 -12.21
C VAL A 183 10.72 -8.46 -12.66
N GLY A 184 11.78 -8.55 -11.87
CA GLY A 184 13.00 -7.83 -12.19
C GLY A 184 13.10 -6.61 -11.31
N LEU A 185 12.86 -6.81 -10.02
CA LEU A 185 12.91 -5.74 -9.05
C LEU A 185 14.28 -5.53 -8.45
N PHE A 186 14.57 -4.28 -8.11
CA PHE A 186 15.81 -3.93 -7.44
C PHE A 186 15.33 -2.97 -6.37
N ASP A 187 15.55 -3.34 -5.11
CA ASP A 187 15.11 -2.52 -3.99
C ASP A 187 16.30 -1.78 -3.42
N THR A 188 16.33 -0.47 -3.59
CA THR A 188 17.43 0.34 -3.07
C THR A 188 17.51 0.28 -1.55
N TYR A 189 16.40 -0.07 -0.89
CA TYR A 189 16.39 -0.19 0.55
C TYR A 189 17.23 -1.42 0.96
N HIS A 190 16.98 -2.55 0.30
CA HIS A 190 17.73 -3.74 0.63
C HIS A 190 19.17 -3.57 0.23
N ALA A 191 19.41 -2.68 -0.74
CA ALA A 191 20.77 -2.41 -1.18
C ALA A 191 21.49 -1.58 -0.14
N SER A 192 20.82 -0.54 0.38
CA SER A 192 21.44 0.32 1.38
C SER A 192 21.95 -0.48 2.55
N LYS A 193 21.12 -1.42 3.01
CA LYS A 193 21.48 -2.27 4.14
C LYS A 193 22.72 -3.10 3.87
N ALA A 194 22.67 -3.88 2.79
CA ALA A 194 23.78 -4.74 2.39
C ALA A 194 25.10 -3.95 2.36
N ILE A 195 25.05 -2.74 1.83
CA ILE A 195 26.24 -1.91 1.76
C ILE A 195 26.62 -1.48 3.17
N GLY A 196 25.61 -1.28 4.01
CA GLY A 196 25.86 -0.88 5.38
C GLY A 196 25.92 0.61 5.64
N LEU A 197 25.06 1.37 4.96
CA LEU A 197 25.02 2.82 5.13
C LEU A 197 24.37 3.14 6.48
N PRO A 198 24.76 4.27 7.08
CA PRO A 198 24.22 4.72 8.38
C PRO A 198 22.70 4.67 8.50
N ARG A 199 22.00 5.03 7.43
CA ARG A 199 20.54 4.99 7.42
C ARG A 199 20.08 4.36 6.11
N HIS A 200 18.89 3.80 6.09
CA HIS A 200 18.45 3.12 4.90
C HIS A 200 17.19 3.66 4.24
N SER A 201 16.82 4.89 4.58
CA SER A 201 15.63 5.52 4.02
C SER A 201 15.90 6.25 2.71
N LEU A 202 14.85 6.47 1.94
CA LEU A 202 14.98 7.18 0.68
C LEU A 202 15.45 8.62 0.98
N ALA A 203 14.88 9.23 2.00
CA ALA A 203 15.26 10.59 2.36
C ALA A 203 16.77 10.70 2.53
N TYR A 204 17.34 9.71 3.21
CA TYR A 204 18.77 9.66 3.46
C TYR A 204 19.54 9.59 2.14
N LEU A 205 19.10 8.69 1.26
CA LEU A 205 19.74 8.53 -0.03
C LEU A 205 19.68 9.82 -0.86
N LEU A 206 18.51 10.44 -0.92
CA LEU A 206 18.34 11.66 -1.68
C LEU A 206 19.23 12.81 -1.20
N GLU A 207 19.38 12.93 0.12
CA GLU A 207 20.21 13.99 0.68
C GLU A 207 21.70 13.78 0.42
N ASN A 208 22.14 12.53 0.43
CA ASN A 208 23.55 12.24 0.25
C ASN A 208 24.05 11.92 -1.16
N PHE A 209 23.17 11.49 -2.06
CA PHE A 209 23.60 11.14 -3.41
C PHE A 209 22.97 12.03 -4.46
N ALA A 210 22.09 12.92 -4.03
CA ALA A 210 21.42 13.80 -4.97
C ALA A 210 21.14 15.15 -4.36
N ASN A 211 21.77 15.45 -3.22
CA ASN A 211 21.59 16.72 -2.54
C ASN A 211 20.18 17.25 -2.70
N PHE A 212 19.24 16.60 -2.02
CA PHE A 212 17.84 16.98 -2.07
C PHE A 212 17.23 16.77 -0.69
N LYS A 213 16.88 17.86 0.00
CA LYS A 213 16.27 17.72 1.31
C LYS A 213 14.78 17.43 1.08
N THR A 214 14.32 16.31 1.64
CA THR A 214 12.93 15.89 1.47
C THR A 214 12.01 16.43 2.57
N SER A 215 10.72 16.11 2.46
CA SER A 215 9.73 16.55 3.44
C SER A 215 8.73 15.44 3.78
N LYS A 216 8.58 15.16 5.08
CA LYS A 216 7.66 14.14 5.56
C LYS A 216 6.24 14.70 5.59
N LYS A 217 6.13 15.99 5.29
CA LYS A 217 4.86 16.69 5.32
C LYS A 217 3.83 16.10 4.35
N TYR A 218 4.30 15.29 3.40
CA TYR A 218 3.40 14.69 2.42
C TYR A 218 3.11 13.20 2.60
N GLN A 219 3.38 12.70 3.81
CA GLN A 219 3.12 11.30 4.13
C GLN A 219 1.92 11.28 5.07
N LEU A 220 1.21 12.40 5.08
CA LEU A 220 0.01 12.60 5.87
C LEU A 220 -0.91 13.41 4.94
N ALA A 221 -0.37 13.71 3.76
CA ALA A 221 -1.08 14.47 2.74
C ALA A 221 -2.19 13.63 2.14
N ASP A 222 -3.16 14.31 1.53
CA ASP A 222 -4.29 13.63 0.91
C ASP A 222 -4.04 13.52 -0.59
N TRP A 223 -3.41 12.42 -0.99
CA TRP A 223 -3.07 12.19 -2.37
C TRP A 223 -4.23 11.96 -3.30
N ARG A 224 -5.45 12.16 -2.80
CA ARG A 224 -6.64 11.98 -3.63
C ARG A 224 -6.95 13.25 -4.40
N ILE A 225 -6.61 14.38 -3.78
CA ILE A 225 -6.85 15.70 -4.36
C ILE A 225 -6.38 15.92 -5.79
N ARG A 226 -7.25 16.55 -6.58
CA ARG A 226 -6.99 16.89 -7.97
C ARG A 226 -7.41 18.35 -8.13
N PRO A 227 -6.55 19.20 -8.72
CA PRO A 227 -5.22 18.82 -9.21
C PRO A 227 -4.31 18.69 -8.00
N LEU A 228 -3.08 18.24 -8.23
CA LEU A 228 -2.11 18.12 -7.15
C LEU A 228 -1.46 19.47 -6.94
N SER A 229 -1.16 19.80 -5.68
CA SER A 229 -0.52 21.07 -5.41
C SER A 229 0.92 21.00 -5.91
N LYS A 230 1.42 22.11 -6.45
CA LYS A 230 2.78 22.17 -6.96
C LYS A 230 3.71 21.47 -5.98
N PRO A 231 3.76 21.94 -4.72
CA PRO A 231 4.62 21.34 -3.72
C PRO A 231 4.40 19.85 -3.56
N MET A 232 3.16 19.40 -3.81
CA MET A 232 2.86 17.97 -3.71
C MET A 232 3.36 17.24 -4.94
N THR A 233 3.20 17.87 -6.11
CA THR A 233 3.64 17.28 -7.37
C THR A 233 5.15 17.12 -7.35
N ALA A 234 5.82 18.14 -6.82
CA ALA A 234 7.27 18.12 -6.73
C ALA A 234 7.76 16.96 -5.86
N ALA A 235 7.14 16.79 -4.70
CA ALA A 235 7.50 15.71 -3.78
C ALA A 235 7.35 14.34 -4.44
N ALA A 236 6.28 14.15 -5.19
CA ALA A 236 6.05 12.87 -5.85
C ALA A 236 7.11 12.64 -6.90
N ARG A 237 7.35 13.65 -7.71
CA ARG A 237 8.36 13.59 -8.76
C ARG A 237 9.76 13.29 -8.20
N ALA A 238 10.05 13.88 -7.05
CA ALA A 238 11.32 13.71 -6.39
C ALA A 238 11.59 12.27 -5.91
N ASP A 239 10.53 11.46 -5.87
CA ASP A 239 10.69 10.11 -5.38
C ASP A 239 11.24 9.13 -6.38
N THR A 240 11.16 9.46 -7.66
CA THR A 240 11.70 8.55 -8.68
C THR A 240 12.67 9.26 -9.62
N HIS A 241 12.70 10.58 -9.57
CA HIS A 241 13.57 11.37 -10.44
C HIS A 241 15.10 11.17 -10.28
N PHE A 242 15.52 10.84 -9.06
CA PHE A 242 16.93 10.62 -8.74
C PHE A 242 17.28 9.16 -8.44
N LEU A 243 16.27 8.28 -8.47
CA LEU A 243 16.48 6.87 -8.11
C LEU A 243 17.34 6.01 -9.03
N LEU A 244 17.28 6.26 -10.34
CA LEU A 244 18.08 5.47 -11.27
C LEU A 244 19.58 5.73 -11.13
N ASN A 245 19.95 6.94 -10.72
CA ASN A 245 21.37 7.25 -10.55
C ASN A 245 21.81 6.56 -9.27
N ILE A 246 21.00 6.71 -8.23
CA ILE A 246 21.26 6.12 -6.93
C ILE A 246 21.35 4.61 -7.12
N TYR A 247 20.52 4.12 -8.05
CA TYR A 247 20.51 2.71 -8.37
C TYR A 247 21.88 2.30 -8.93
N ASP A 248 22.39 3.08 -9.90
CA ASP A 248 23.68 2.80 -10.51
C ASP A 248 24.76 2.67 -9.45
N GLN A 249 24.90 3.71 -8.63
CA GLN A 249 25.92 3.73 -7.60
C GLN A 249 25.84 2.59 -6.61
N LEU A 250 24.64 2.19 -6.24
CA LEU A 250 24.47 1.08 -5.30
C LEU A 250 24.75 -0.25 -5.97
N ARG A 251 24.22 -0.46 -7.18
CA ARG A 251 24.45 -1.71 -7.89
C ARG A 251 25.95 -1.92 -8.06
N ASN A 252 26.66 -0.87 -8.46
CA ASN A 252 28.11 -0.95 -8.67
C ASN A 252 28.83 -1.28 -7.38
N LYS A 253 28.42 -0.65 -6.29
CA LYS A 253 29.07 -0.90 -5.01
C LYS A 253 28.76 -2.33 -4.59
N LEU A 254 27.52 -2.76 -4.81
CA LEU A 254 27.14 -4.14 -4.45
C LEU A 254 27.99 -5.15 -5.25
N ILE A 255 28.21 -4.85 -6.52
CA ILE A 255 29.01 -5.71 -7.38
C ILE A 255 30.42 -5.75 -6.84
N GLU A 256 30.98 -4.56 -6.67
CA GLU A 256 32.34 -4.40 -6.17
C GLU A 256 32.64 -5.11 -4.86
N SER A 257 31.61 -5.51 -4.11
CA SER A 257 31.84 -6.17 -2.84
C SER A 257 31.18 -7.55 -2.73
N ASN A 258 30.74 -8.07 -3.87
CA ASN A 258 30.12 -9.39 -3.92
C ASN A 258 28.90 -9.51 -3.02
N LYS A 259 27.95 -8.59 -3.15
CA LYS A 259 26.74 -8.62 -2.33
C LYS A 259 25.47 -8.46 -3.14
N LEU A 260 25.62 -8.36 -4.46
CA LEU A 260 24.46 -8.17 -5.33
C LEU A 260 23.46 -9.30 -5.27
N ALA A 261 23.95 -10.51 -5.50
CA ALA A 261 23.09 -11.69 -5.49
C ALA A 261 22.20 -11.65 -4.26
N GLY A 262 22.79 -11.23 -3.14
CA GLY A 262 22.04 -11.13 -1.90
C GLY A 262 20.92 -10.10 -2.00
N VAL A 263 21.22 -8.96 -2.61
CA VAL A 263 20.23 -7.92 -2.77
C VAL A 263 19.17 -8.35 -3.77
N LEU A 264 19.58 -9.00 -4.85
CA LEU A 264 18.62 -9.44 -5.85
C LEU A 264 17.67 -10.48 -5.24
N TYR A 265 18.22 -11.34 -4.40
CA TYR A 265 17.45 -12.37 -3.71
C TYR A 265 16.41 -11.71 -2.80
N GLU A 266 16.84 -10.72 -2.03
CA GLU A 266 15.94 -9.99 -1.14
C GLU A 266 14.81 -9.32 -1.93
N SER A 267 15.17 -8.72 -3.05
CA SER A 267 14.21 -8.04 -3.91
C SER A 267 13.20 -9.04 -4.49
N ARG A 268 13.68 -10.19 -4.96
CA ARG A 268 12.80 -11.18 -5.54
C ARG A 268 11.72 -11.57 -4.54
N ASN A 269 12.11 -11.66 -3.27
CA ASN A 269 11.13 -12.00 -2.26
C ASN A 269 10.13 -10.87 -1.99
N VAL A 270 10.60 -9.62 -1.98
CA VAL A 270 9.69 -8.50 -1.75
C VAL A 270 8.67 -8.49 -2.88
N ALA A 271 9.12 -8.90 -4.06
CA ALA A 271 8.27 -8.93 -5.24
C ALA A 271 7.29 -10.08 -5.17
N LYS A 272 7.71 -11.16 -4.52
CA LYS A 272 6.88 -12.34 -4.39
C LYS A 272 5.76 -12.22 -3.35
N ARG A 273 5.86 -11.27 -2.44
CA ARG A 273 4.84 -11.08 -1.42
C ARG A 273 3.43 -11.10 -2.03
N ARG A 274 2.49 -11.66 -1.29
CA ARG A 274 1.12 -11.76 -1.78
C ARG A 274 0.11 -11.08 -0.86
N PHE A 275 -0.94 -10.54 -1.46
CA PHE A 275 -1.99 -9.87 -0.70
C PHE A 275 -3.16 -10.81 -0.44
N GLU A 276 -3.53 -10.94 0.83
CA GLU A 276 -4.64 -11.81 1.21
C GLU A 276 -5.50 -11.10 2.26
N TYR A 277 -6.81 -11.27 2.18
CA TYR A 277 -7.71 -10.64 3.15
C TYR A 277 -7.43 -11.20 4.55
N SER A 278 -7.57 -10.34 5.55
CA SER A 278 -7.31 -10.73 6.94
C SER A 278 -7.94 -12.07 7.32
N LYS A 279 -9.20 -12.24 6.95
CA LYS A 279 -9.95 -13.45 7.23
C LYS A 279 -9.18 -14.71 6.83
N TYR A 280 -8.58 -14.69 5.65
CA TYR A 280 -7.82 -15.83 5.15
C TYR A 280 -6.32 -15.62 5.28
N ARG A 281 -5.90 -14.93 6.33
CA ARG A 281 -4.48 -14.68 6.53
C ARG A 281 -3.81 -15.91 7.13
N PRO A 282 -2.54 -16.14 6.78
CA PRO A 282 -1.85 -17.30 7.34
C PRO A 282 -1.82 -17.23 8.86
N LEU A 283 -1.91 -18.39 9.51
CA LEU A 283 -1.90 -18.49 10.97
C LEU A 283 -0.65 -17.84 11.55
N THR A 284 0.49 -18.21 10.98
CA THR A 284 1.78 -17.65 11.41
C THR A 284 2.13 -16.47 10.50
N PRO A 285 1.81 -15.25 10.93
CA PRO A 285 2.10 -14.05 10.15
C PRO A 285 3.58 -13.90 9.83
N SER A 286 3.90 -13.67 8.55
CA SER A 286 5.28 -13.51 8.11
C SER A 286 5.39 -12.45 7.02
N SER A 287 6.54 -12.42 6.35
CA SER A 287 6.78 -11.44 5.30
C SER A 287 6.48 -11.96 3.90
N GLU A 288 5.92 -13.16 3.82
CA GLU A 288 5.58 -13.76 2.52
C GLU A 288 4.14 -13.42 2.16
N VAL A 289 3.32 -13.19 3.18
CA VAL A 289 1.91 -12.85 2.98
C VAL A 289 1.56 -11.61 3.78
N TYR A 290 0.82 -10.70 3.15
CA TYR A 290 0.40 -9.48 3.82
C TYR A 290 -1.11 -9.42 3.98
N SER A 291 -1.54 -9.25 5.23
CA SER A 291 -2.95 -9.14 5.58
C SER A 291 -3.16 -7.81 6.28
N PRO A 292 -4.26 -7.11 5.97
CA PRO A 292 -4.53 -5.82 6.59
C PRO A 292 -4.17 -5.74 8.07
N ILE A 293 -3.43 -4.70 8.44
CA ILE A 293 -3.00 -4.49 9.83
C ILE A 293 -3.74 -3.29 10.40
N GLU A 294 -4.31 -3.45 11.60
CA GLU A 294 -5.03 -2.36 12.25
C GLU A 294 -4.04 -1.34 12.82
N LYS A 295 -4.28 -0.08 12.49
CA LYS A 295 -3.41 1.03 12.91
C LYS A 295 -3.78 1.63 14.25
N GLU A 296 -4.50 0.90 15.08
CA GLU A 296 -4.85 1.49 16.35
C GLU A 296 -4.71 0.64 17.62
N SER A 297 -5.71 0.66 18.50
CA SER A 297 -5.64 -0.10 19.76
C SER A 297 -5.70 -1.62 19.65
N PRO A 298 -5.05 -2.35 20.59
CA PRO A 298 -5.09 -3.81 20.54
C PRO A 298 -6.47 -4.31 20.17
N TRP A 299 -6.49 -5.42 19.43
CA TRP A 299 -7.73 -6.05 18.98
C TRP A 299 -8.88 -5.95 19.97
N LYS A 300 -8.73 -6.40 21.20
CA LYS A 300 -9.87 -6.16 22.11
C LYS A 300 -9.52 -5.06 23.07
N ILE A 301 -9.76 -5.30 24.35
CA ILE A 301 -9.42 -4.34 25.36
C ILE A 301 -8.05 -3.82 24.99
N LEU A 302 -8.01 -2.55 24.62
CA LEU A 302 -6.79 -1.89 24.21
C LEU A 302 -5.75 -1.86 25.29
N MET A 303 -4.49 -1.98 24.89
CA MET A 303 -3.40 -1.94 25.84
C MET A 303 -3.24 -0.50 26.34
N TYR A 304 -3.63 0.46 25.52
CA TYR A 304 -3.54 1.88 25.87
C TYR A 304 -4.34 2.17 27.13
N GLN A 305 -4.77 1.09 27.77
CA GLN A 305 -5.53 1.13 29.01
C GLN A 305 -5.78 2.53 29.51
N TYR A 306 -6.86 3.15 29.05
CA TYR A 306 -7.24 4.48 29.50
C TYR A 306 -7.89 4.18 30.86
N ASN A 307 -7.32 3.17 31.52
CA ASN A 307 -7.78 2.64 32.80
C ASN A 307 -9.12 1.96 32.52
N ILE A 308 -9.07 1.06 31.54
CA ILE A 308 -10.22 0.29 31.09
C ILE A 308 -10.66 -0.73 32.14
N PRO A 309 -11.70 -0.40 32.94
CA PRO A 309 -12.22 -1.28 33.98
C PRO A 309 -12.29 -2.78 33.62
N PRO A 310 -12.50 -3.65 34.64
CA PRO A 310 -12.58 -5.09 34.42
C PRO A 310 -13.60 -5.55 33.38
N GLU A 311 -14.86 -5.49 33.78
CA GLU A 311 -15.99 -5.94 32.96
C GLU A 311 -16.18 -5.32 31.58
N ARG A 312 -15.84 -4.06 31.43
CA ARG A 312 -16.04 -3.39 30.18
C ARG A 312 -15.31 -3.97 28.96
N GLU A 313 -14.83 -5.21 29.06
CA GLU A 313 -14.15 -5.83 27.91
C GLU A 313 -15.15 -6.15 26.79
N VAL A 314 -16.32 -6.61 27.19
CA VAL A 314 -17.36 -6.97 26.24
C VAL A 314 -17.85 -5.71 25.53
N LEU A 315 -18.07 -4.64 26.29
CA LEU A 315 -18.50 -3.38 25.69
C LEU A 315 -17.48 -3.00 24.63
N VAL A 316 -16.23 -2.90 25.06
CA VAL A 316 -15.13 -2.55 24.17
C VAL A 316 -15.13 -3.37 22.90
N ARG A 317 -15.22 -4.69 23.03
CA ARG A 317 -15.19 -5.56 21.85
C ARG A 317 -16.40 -5.37 20.95
N GLU A 318 -17.57 -5.09 21.53
CA GLU A 318 -18.77 -4.89 20.70
C GLU A 318 -18.54 -3.63 19.87
N LEU A 319 -17.99 -2.61 20.52
CA LEU A 319 -17.69 -1.34 19.85
C LEU A 319 -16.71 -1.56 18.70
N TYR A 320 -15.72 -2.43 18.91
CA TYR A 320 -14.73 -2.71 17.89
C TYR A 320 -15.33 -3.36 16.64
N GLN A 321 -15.99 -4.49 16.82
CA GLN A 321 -16.59 -5.20 15.68
C GLN A 321 -17.64 -4.32 15.05
N TRP A 322 -18.28 -3.47 15.85
CA TRP A 322 -19.30 -2.61 15.30
C TRP A 322 -18.64 -1.61 14.35
N ARG A 323 -17.56 -0.99 14.84
CA ARG A 323 -16.83 -0.01 14.04
C ARG A 323 -16.30 -0.63 12.77
N ASP A 324 -15.85 -1.89 12.87
CA ASP A 324 -15.30 -2.56 11.69
C ASP A 324 -16.35 -2.83 10.62
N LEU A 325 -17.54 -3.25 11.04
CA LEU A 325 -18.59 -3.52 10.07
C LEU A 325 -19.03 -2.21 9.43
N ILE A 326 -19.12 -1.16 10.23
CA ILE A 326 -19.51 0.15 9.71
C ILE A 326 -18.47 0.67 8.73
N ALA A 327 -17.20 0.48 9.08
CA ALA A 327 -16.09 0.89 8.23
C ALA A 327 -16.18 0.08 6.94
N ARG A 328 -16.31 -1.24 7.07
CA ARG A 328 -16.43 -2.12 5.91
C ARG A 328 -17.69 -1.78 5.12
N ARG A 329 -18.74 -1.32 5.80
CA ARG A 329 -19.98 -0.98 5.09
C ARG A 329 -19.85 0.27 4.24
N ASP A 330 -19.54 1.39 4.87
CA ASP A 330 -19.40 2.63 4.13
C ASP A 330 -18.01 2.76 3.51
N ASP A 331 -17.24 1.67 3.55
CA ASP A 331 -15.90 1.67 3.00
C ASP A 331 -15.09 2.86 3.49
N GLU A 332 -14.92 2.93 4.80
CA GLU A 332 -14.16 3.99 5.44
C GLU A 332 -13.10 3.31 6.29
N SER A 333 -12.23 4.11 6.89
CA SER A 333 -11.23 3.51 7.75
C SER A 333 -11.77 3.57 9.16
N PRO A 334 -11.44 2.58 9.99
CA PRO A 334 -11.90 2.54 11.36
C PRO A 334 -11.74 3.85 12.13
N ARG A 335 -10.63 4.54 11.96
CA ARG A 335 -10.44 5.80 12.70
C ARG A 335 -11.32 6.92 12.18
N PHE A 336 -11.72 6.86 10.93
CA PHE A 336 -12.59 7.91 10.42
C PHE A 336 -13.97 7.73 11.06
N VAL A 337 -14.40 6.48 11.14
CA VAL A 337 -15.69 6.10 11.71
C VAL A 337 -15.69 6.43 13.20
N MET A 338 -14.59 6.09 13.85
CA MET A 338 -14.45 6.33 15.27
C MET A 338 -13.04 5.97 15.74
N PRO A 339 -12.25 7.01 16.10
CA PRO A 339 -10.87 6.83 16.58
C PRO A 339 -10.91 6.30 18.00
N ASN A 340 -9.97 5.42 18.32
CA ASN A 340 -9.91 4.77 19.63
C ASN A 340 -10.09 5.68 20.80
N GLN A 341 -9.55 6.89 20.72
CA GLN A 341 -9.71 7.79 21.84
C GLN A 341 -11.21 7.94 22.10
N LEU A 342 -11.98 8.08 21.02
CA LEU A 342 -13.42 8.21 21.13
C LEU A 342 -14.05 6.90 21.61
N LEU A 343 -13.60 5.78 21.05
CA LEU A 343 -14.11 4.48 21.46
C LEU A 343 -13.89 4.42 22.97
N ALA A 344 -12.67 4.75 23.38
CA ALA A 344 -12.32 4.78 24.79
C ALA A 344 -13.28 5.69 25.57
N ALA A 345 -13.39 6.95 25.14
CA ALA A 345 -14.27 7.93 25.76
C ALA A 345 -15.66 7.38 26.02
N LEU A 346 -16.21 6.69 25.03
CA LEU A 346 -17.53 6.09 25.13
C LEU A 346 -17.51 5.05 26.22
N VAL A 347 -16.55 4.12 26.14
CA VAL A 347 -16.43 3.07 27.13
C VAL A 347 -16.17 3.65 28.51
N ALA A 348 -15.32 4.67 28.55
CA ALA A 348 -14.96 5.34 29.80
C ALA A 348 -16.13 6.05 30.47
N TYR A 349 -16.96 6.74 29.69
CA TYR A 349 -18.07 7.48 30.27
C TYR A 349 -19.44 6.83 30.15
N THR A 350 -19.52 5.76 29.37
CA THR A 350 -20.76 5.01 29.13
C THR A 350 -22.05 5.84 29.00
N PRO A 351 -22.11 6.73 27.99
CA PRO A 351 -23.32 7.55 27.80
C PRO A 351 -24.50 6.63 27.46
N THR A 352 -25.64 6.86 28.10
CA THR A 352 -26.82 6.04 27.89
C THR A 352 -27.91 6.63 27.00
N ASP A 353 -27.72 7.87 26.53
CA ASP A 353 -28.70 8.49 25.65
C ASP A 353 -27.99 9.25 24.53
N VAL A 354 -28.77 9.78 23.57
CA VAL A 354 -28.19 10.51 22.46
C VAL A 354 -27.44 11.75 22.90
N ILE A 355 -27.99 12.48 23.86
CA ILE A 355 -27.32 13.69 24.34
C ILE A 355 -25.94 13.30 24.82
N GLY A 356 -25.91 12.34 25.76
CA GLY A 356 -24.66 11.88 26.30
C GLY A 356 -23.64 11.47 25.25
N VAL A 357 -24.11 10.89 24.15
CA VAL A 357 -23.21 10.45 23.12
C VAL A 357 -22.65 11.56 22.25
N VAL A 358 -23.47 12.54 21.92
CA VAL A 358 -23.01 13.63 21.05
C VAL A 358 -22.35 14.79 21.78
N SER A 359 -22.58 14.89 23.08
CA SER A 359 -21.99 15.96 23.86
C SER A 359 -20.83 15.38 24.63
N LEU A 360 -20.28 14.27 24.14
CA LEU A 360 -19.17 13.61 24.81
C LEU A 360 -17.91 14.45 24.79
N THR A 361 -17.63 15.07 25.93
CA THR A 361 -16.48 15.94 26.14
C THR A 361 -15.39 15.99 25.04
N ASN A 362 -14.90 14.83 24.63
CA ASN A 362 -13.84 14.73 23.61
C ASN A 362 -14.24 15.30 22.27
N GLY A 363 -15.47 14.98 21.86
CA GLY A 363 -15.97 15.43 20.58
C GLY A 363 -16.51 14.17 19.92
N VAL A 364 -17.12 14.32 18.75
CA VAL A 364 -17.71 13.17 18.09
C VAL A 364 -17.56 13.17 16.59
N THR A 365 -17.49 11.98 16.02
CA THR A 365 -17.36 11.85 14.58
C THR A 365 -18.75 11.86 13.95
N GLU A 366 -18.83 11.91 12.63
CA GLU A 366 -20.13 11.90 12.01
C GLU A 366 -20.80 10.54 12.18
N HIS A 367 -20.04 9.45 12.01
CA HIS A 367 -20.63 8.13 12.18
C HIS A 367 -21.19 7.95 13.59
N VAL A 368 -20.44 8.39 14.60
CA VAL A 368 -20.89 8.26 15.98
C VAL A 368 -22.14 9.10 16.20
N ARG A 369 -22.20 10.24 15.53
CA ARG A 369 -23.32 11.15 15.62
C ARG A 369 -24.53 10.54 14.90
N GLN A 370 -24.31 10.05 13.70
CA GLN A 370 -25.39 9.46 12.91
C GLN A 370 -25.86 8.10 13.42
N ASN A 371 -25.26 7.61 14.51
CA ASN A 371 -25.62 6.31 15.09
C ASN A 371 -25.69 6.40 16.61
N ALA A 372 -25.82 7.62 17.13
CA ALA A 372 -25.87 7.83 18.57
C ALA A 372 -26.88 6.97 19.33
N LYS A 373 -28.03 6.68 18.73
CA LYS A 373 -29.05 5.87 19.41
C LYS A 373 -28.59 4.43 19.53
N LEU A 374 -28.16 3.86 18.41
CA LEU A 374 -27.66 2.50 18.40
C LEU A 374 -26.53 2.41 19.42
N LEU A 375 -25.65 3.41 19.45
CA LEU A 375 -24.54 3.38 20.40
C LEU A 375 -25.01 3.52 21.86
N ALA A 376 -26.03 4.35 22.09
CA ALA A 376 -26.53 4.49 23.45
C ALA A 376 -27.22 3.19 23.85
N ASN A 377 -27.93 2.57 22.91
CA ASN A 377 -28.62 1.31 23.18
C ASN A 377 -27.58 0.24 23.50
N LEU A 378 -26.55 0.17 22.67
CA LEU A 378 -25.48 -0.80 22.87
C LEU A 378 -24.80 -0.60 24.23
N ILE A 379 -24.44 0.65 24.54
CA ILE A 379 -23.80 0.95 25.81
C ILE A 379 -24.71 0.63 26.98
N ARG A 380 -25.96 1.07 26.90
CA ARG A 380 -26.93 0.82 27.96
C ARG A 380 -27.09 -0.68 28.22
N ASP A 381 -27.05 -1.47 27.15
CA ASP A 381 -27.17 -2.93 27.26
C ASP A 381 -26.00 -3.49 28.07
N ALA A 382 -24.80 -3.01 27.77
CA ALA A 382 -23.59 -3.44 28.47
C ALA A 382 -23.79 -3.14 29.95
N LEU A 383 -24.00 -1.88 30.27
CA LEU A 383 -24.21 -1.49 31.66
C LEU A 383 -25.26 -2.36 32.36
N ARG A 384 -26.14 -2.98 31.58
CA ARG A 384 -27.18 -3.80 32.16
C ARG A 384 -26.73 -5.23 32.34
N ASN A 385 -26.21 -5.84 31.28
CA ASN A 385 -25.76 -7.21 31.39
C ASN A 385 -24.61 -7.31 32.39
N ILE A 386 -24.17 -6.16 32.90
CA ILE A 386 -23.11 -6.09 33.89
C ILE A 386 -23.78 -6.14 35.27
N LYS A 387 -24.85 -5.36 35.44
CA LYS A 387 -25.57 -5.35 36.71
C LYS A 387 -26.23 -6.71 36.93
N ASN A 388 -26.79 -7.29 35.88
CA ASN A 388 -27.43 -8.60 36.02
C ASN A 388 -26.40 -9.64 36.43
N THR A 389 -25.88 -10.38 35.46
CA THR A 389 -24.90 -11.44 35.70
C THR A 389 -24.48 -11.55 37.17
N ASN A 390 -23.59 -10.67 37.60
CA ASN A 390 -23.14 -10.67 39.00
C ASN A 390 -23.54 -9.37 39.70
#